data_6YPP
#
_entry.id   6YPP
#
_cell.length_a   52.499
_cell.length_b   71.658
_cell.length_c   97.779
_cell.angle_alpha   90.000
_cell.angle_beta   90.000
_cell.angle_gamma   90.000
#
_symmetry.space_group_name_H-M   'P 21 21 21'
#
loop_
_entity.id
_entity.type
_entity.pdbx_description
1 polymer 'cAMP-dependent protein kinase catalytic subunit alpha'
2 polymer 'cAMP-dependent protein kinase inhibitor alpha'
3 non-polymer ISOQUINOLINE
4 water water
#
loop_
_entity_poly.entity_id
_entity_poly.type
_entity_poly.pdbx_seq_one_letter_code
_entity_poly.pdbx_strand_id
1 'polypeptide(L)'
;GHMGNAAAAKKG(SEP)EQESVKEFLAKAKEEFLKKWESPSQNTAQLDHFDRIKTLGTGSFGRVMLVKHKETGNHYAMKI
LDKQKVVKLKQIEHTLNEKRILQAVNFPFLVKLEFSFKDNSNLYMVMEYVPGGEMFSHLRRIGRFSEPHARFYAAQIVLT
FEYLHSLDLIYRDLKPENLLIDQQGYIQVTDFGFAKRVKGRTW(TPO)LCGTPEYLAPEIILSKGYNKAVDWWALGVLIY
EMAAGYPPFFADQPIQIYEKIVSGKVRFPSHFSSDLKDLLRNLLQVDLTKRFGNLKNGVNDIKNHKWFATTDWIAIYQRK
VEAPFIPKFKGPGDTSNFDDYEEEEIRV(SEP)INEKCGKEFTEF
;
A
2 'polypeptide(L)' TTYADFIASGRTGRRNAIHD B
#
loop_
_chem_comp.id
_chem_comp.type
_chem_comp.name
_chem_comp.formula
ISQ non-polymer ISOQUINOLINE 'C9 H7 N'
#
# COMPACT_ATOMS: atom_id res chain seq x y z
N GLN A 15 3.23 12.56 24.25
CA GLN A 15 3.26 11.11 24.44
C GLN A 15 1.88 10.60 24.82
N GLU A 16 1.19 11.28 25.77
CA GLU A 16 -0.07 10.73 26.26
C GLU A 16 -1.17 10.90 25.23
N SER A 17 -1.19 12.03 24.52
CA SER A 17 -2.12 12.22 23.42
C SER A 17 -2.02 11.06 22.43
N VAL A 18 -0.79 10.72 22.04
CA VAL A 18 -0.58 9.66 21.06
C VAL A 18 -0.86 8.31 21.69
N LYS A 19 -0.41 8.11 22.93
CA LYS A 19 -0.63 6.83 23.58
C LYS A 19 -2.12 6.51 23.68
N GLU A 20 -2.92 7.47 24.14
CA GLU A 20 -4.34 7.20 24.32
C GLU A 20 -5.04 7.04 22.98
N PHE A 21 -4.66 7.83 21.96
CA PHE A 21 -5.17 7.61 20.61
C PHE A 21 -4.92 6.17 20.18
N LEU A 22 -3.67 5.71 20.29
CA LEU A 22 -3.33 4.39 19.75
C LEU A 22 -3.99 3.29 20.55
N ALA A 23 -4.14 3.49 21.87
CA ALA A 23 -4.78 2.48 22.70
C ALA A 23 -6.23 2.31 22.29
N LYS A 24 -6.92 3.43 22.03
CA LYS A 24 -8.30 3.35 21.58
C LYS A 24 -8.36 2.75 20.19
N ALA A 25 -7.45 3.19 19.29
CA ALA A 25 -7.41 2.61 17.97
C ALA A 25 -7.26 1.10 18.05
N LYS A 26 -6.41 0.61 18.96
CA LYS A 26 -6.23 -0.84 19.04
C LYS A 26 -7.46 -1.52 19.60
N GLU A 27 -8.12 -0.89 20.57
CA GLU A 27 -9.35 -1.44 21.13
C GLU A 27 -10.38 -1.64 20.03
N GLU A 28 -10.55 -0.63 19.18
CA GLU A 28 -11.61 -0.70 18.19
C GLU A 28 -11.26 -1.68 17.09
N PHE A 29 -9.99 -1.71 16.68
CA PHE A 29 -9.52 -2.71 15.74
C PHE A 29 -9.77 -4.12 16.26
N LEU A 30 -9.37 -4.38 17.50
CA LEU A 30 -9.47 -5.75 18.02
C LEU A 30 -10.91 -6.20 18.13
N LYS A 31 -11.82 -5.28 18.44
CA LYS A 31 -13.21 -5.67 18.47
C LYS A 31 -13.68 -6.19 17.11
N LYS A 32 -13.43 -5.43 16.04
CA LYS A 32 -13.82 -5.90 14.71
C LYS A 32 -13.02 -7.13 14.27
N TRP A 33 -11.75 -7.18 14.70
CA TRP A 33 -10.87 -8.28 14.33
C TRP A 33 -11.39 -9.61 14.89
N GLU A 34 -11.94 -9.58 16.09
CA GLU A 34 -12.35 -10.81 16.75
C GLU A 34 -13.62 -11.36 16.13
N SER A 35 -14.45 -10.50 15.53
CA SER A 35 -15.76 -10.87 15.00
C SER A 35 -15.91 -10.23 13.63
N PRO A 36 -15.23 -10.76 12.61
CA PRO A 36 -15.23 -10.10 11.31
C PRO A 36 -16.61 -10.10 10.66
N SER A 37 -16.86 -9.06 9.87
CA SER A 37 -18.10 -9.03 9.09
C SER A 37 -17.94 -9.90 7.85
N GLN A 38 -19.06 -10.41 7.36
CA GLN A 38 -19.05 -11.42 6.31
C GLN A 38 -20.31 -11.25 5.47
N ASN A 39 -20.17 -11.35 4.15
CA ASN A 39 -21.31 -11.56 3.24
C ASN A 39 -22.29 -10.39 3.33
N THR A 40 -21.77 -9.17 3.10
CA THR A 40 -22.52 -7.97 3.37
C THR A 40 -23.06 -7.31 2.10
N ALA A 41 -22.88 -7.94 0.94
CA ALA A 41 -23.57 -7.55 -0.31
C ALA A 41 -23.54 -8.78 -1.22
N GLN A 42 -24.00 -8.60 -2.46
CA GLN A 42 -23.83 -9.64 -3.46
C GLN A 42 -23.61 -8.98 -4.82
N LEU A 43 -23.17 -9.78 -5.79
CA LEU A 43 -22.66 -9.19 -7.01
C LEU A 43 -23.74 -8.43 -7.75
N ASP A 44 -24.98 -8.95 -7.77
CA ASP A 44 -26.00 -8.30 -8.59
C ASP A 44 -26.61 -7.06 -7.92
N HIS A 45 -26.03 -6.61 -6.80
CA HIS A 45 -26.33 -5.29 -6.27
C HIS A 45 -25.61 -4.18 -7.01
N PHE A 46 -24.69 -4.52 -7.92
CA PHE A 46 -23.82 -3.56 -8.59
C PHE A 46 -23.90 -3.66 -10.11
N ASP A 47 -23.71 -2.52 -10.76
CA ASP A 47 -23.44 -2.45 -12.18
C ASP A 47 -21.93 -2.37 -12.41
N ARG A 48 -21.44 -3.12 -13.40
CA ARG A 48 -20.03 -3.06 -13.77
C ARG A 48 -19.79 -1.89 -14.70
N ILE A 49 -18.75 -1.12 -14.46
CA ILE A 49 -18.44 0.04 -15.29
C ILE A 49 -17.18 -0.17 -16.12
N LYS A 50 -16.05 -0.47 -15.48
CA LYS A 50 -14.75 -0.48 -16.16
C LYS A 50 -13.74 -1.24 -15.31
N THR A 51 -12.80 -1.89 -15.95
CA THR A 51 -11.69 -2.47 -15.22
C THR A 51 -10.66 -1.39 -14.89
N LEU A 52 -10.32 -1.27 -13.62
CA LEU A 52 -9.35 -0.27 -13.16
C LEU A 52 -7.92 -0.80 -13.03
N GLY A 53 -7.74 -2.10 -12.98
CA GLY A 53 -6.41 -2.66 -12.77
C GLY A 53 -6.47 -4.17 -12.74
N THR A 54 -5.32 -4.79 -12.99
CA THR A 54 -5.24 -6.25 -13.02
C THR A 54 -3.97 -6.73 -12.34
N PHE A 57 -3.84 -12.76 -9.59
CA PHE A 57 -4.95 -13.53 -9.02
C PHE A 57 -6.29 -12.86 -9.31
N GLY A 58 -6.26 -11.59 -9.70
CA GLY A 58 -7.50 -10.92 -10.01
C GLY A 58 -7.32 -9.50 -10.48
N ARG A 59 -8.38 -8.74 -10.32
CA ARG A 59 -8.49 -7.43 -10.93
C ARG A 59 -9.37 -6.57 -10.05
N VAL A 60 -9.39 -5.28 -10.37
CA VAL A 60 -10.19 -4.32 -9.65
C VAL A 60 -11.08 -3.66 -10.68
N MET A 61 -12.38 -3.62 -10.40
CA MET A 61 -13.35 -3.05 -11.32
C MET A 61 -14.08 -1.90 -10.65
N LEU A 62 -14.30 -0.83 -11.41
CA LEU A 62 -15.22 0.20 -10.97
C LEU A 62 -16.64 -0.31 -11.16
N VAL A 63 -17.44 -0.22 -10.10
CA VAL A 63 -18.82 -0.63 -10.09
C VAL A 63 -19.66 0.49 -9.47
N LYS A 64 -20.98 0.38 -9.67
CA LYS A 64 -21.93 1.37 -9.19
C LYS A 64 -23.05 0.63 -8.48
N HIS A 65 -23.29 0.98 -7.23
CA HIS A 65 -24.34 0.32 -6.47
C HIS A 65 -25.68 0.74 -7.01
N LYS A 66 -26.53 -0.24 -7.32
CA LYS A 66 -27.72 0.03 -8.11
C LYS A 66 -28.78 0.79 -7.32
N GLU A 67 -28.73 0.72 -5.99
CA GLU A 67 -29.74 1.36 -5.16
C GLU A 67 -29.30 2.74 -4.70
N THR A 68 -28.05 2.87 -4.28
CA THR A 68 -27.55 4.14 -3.78
C THR A 68 -26.91 5.00 -4.86
N GLY A 69 -26.44 4.41 -5.97
CA GLY A 69 -25.72 5.14 -6.98
C GLY A 69 -24.27 5.40 -6.64
N ASN A 70 -23.79 4.94 -5.49
CA ASN A 70 -22.42 5.18 -5.13
C ASN A 70 -21.48 4.28 -5.92
N HIS A 71 -20.30 4.81 -6.20
CA HIS A 71 -19.26 4.10 -6.93
C HIS A 71 -18.30 3.41 -5.97
N TYR A 72 -17.87 2.21 -6.37
CA TYR A 72 -16.89 1.46 -5.59
C TYR A 72 -15.85 0.85 -6.50
N ALA A 73 -14.72 0.53 -5.90
CA ALA A 73 -13.70 -0.29 -6.54
C ALA A 73 -13.84 -1.70 -5.97
N MET A 74 -14.16 -2.65 -6.83
CA MET A 74 -14.41 -4.03 -6.43
C MET A 74 -13.21 -4.87 -6.84
N LYS A 75 -12.45 -5.34 -5.86
CA LYS A 75 -11.37 -6.28 -6.10
C LYS A 75 -11.96 -7.68 -6.22
N ILE A 76 -11.66 -8.37 -7.31
CA ILE A 76 -12.21 -9.68 -7.62
C ILE A 76 -11.06 -10.67 -7.69
N LEU A 77 -11.12 -11.70 -6.86
CA LEU A 77 -10.06 -12.71 -6.84
C LEU A 77 -10.64 -14.06 -7.19
N ASP A 78 -9.99 -14.76 -8.11
CA ASP A 78 -10.42 -16.08 -8.54
C ASP A 78 -9.96 -17.09 -7.49
N LYS A 79 -10.91 -17.75 -6.83
CA LYS A 79 -10.57 -18.66 -5.74
C LYS A 79 -9.56 -19.70 -6.20
N GLN A 80 -9.79 -20.32 -7.36
CA GLN A 80 -8.90 -21.38 -7.80
C GLN A 80 -7.49 -20.86 -8.02
N LYS A 81 -7.35 -19.64 -8.54
CA LYS A 81 -6.02 -19.08 -8.75
C LYS A 81 -5.38 -18.70 -7.43
N VAL A 82 -6.19 -18.29 -6.45
CA VAL A 82 -5.65 -17.95 -5.14
C VAL A 82 -5.03 -19.18 -4.50
N VAL A 83 -5.74 -20.31 -4.59
CA VAL A 83 -5.20 -21.57 -4.10
C VAL A 83 -3.89 -21.90 -4.78
N LYS A 84 -3.85 -21.83 -6.11
CA LYS A 84 -2.67 -22.29 -6.84
C LYS A 84 -1.46 -21.40 -6.55
N LEU A 85 -1.68 -20.10 -6.38
CA LEU A 85 -0.63 -19.15 -6.09
C LEU A 85 -0.32 -19.07 -4.60
N LYS A 86 -0.88 -19.97 -3.80
CA LYS A 86 -0.58 -20.09 -2.37
C LYS A 86 -0.97 -18.84 -1.58
N GLN A 87 -2.04 -18.17 -2.00
CA GLN A 87 -2.45 -16.90 -1.40
C GLN A 87 -3.69 -17.01 -0.52
N ILE A 88 -4.08 -18.21 -0.09
CA ILE A 88 -5.31 -18.35 0.68
C ILE A 88 -5.25 -17.49 1.94
N GLU A 89 -4.24 -17.75 2.80
CA GLU A 89 -4.13 -17.00 4.04
C GLU A 89 -3.98 -15.51 3.78
N HIS A 90 -3.25 -15.16 2.73
CA HIS A 90 -3.07 -13.74 2.42
C HIS A 90 -4.40 -13.07 2.09
N THR A 91 -5.28 -13.75 1.33
N THR A 91 -5.26 -13.76 1.33
CA THR A 91 -6.56 -13.14 1.00
CA THR A 91 -6.56 -13.20 0.99
C THR A 91 -7.45 -13.04 2.25
C THR A 91 -7.42 -13.05 2.23
N LEU A 92 -7.41 -14.05 3.10
CA LEU A 92 -8.16 -13.95 4.35
C LEU A 92 -7.59 -12.83 5.21
N ASN A 93 -6.25 -12.68 5.23
CA ASN A 93 -5.64 -11.58 5.96
C ASN A 93 -6.17 -10.26 5.46
N GLU A 94 -6.14 -10.08 4.13
CA GLU A 94 -6.50 -8.79 3.56
C GLU A 94 -7.92 -8.39 3.96
N LYS A 95 -8.86 -9.32 3.82
CA LYS A 95 -10.25 -8.99 4.11
C LYS A 95 -10.47 -8.71 5.60
N ARG A 96 -9.85 -9.51 6.46
CA ARG A 96 -10.03 -9.32 7.89
C ARG A 96 -9.45 -7.98 8.34
N ILE A 97 -8.30 -7.60 7.79
CA ILE A 97 -7.67 -6.33 8.15
C ILE A 97 -8.50 -5.17 7.63
N LEU A 98 -8.88 -5.20 6.35
CA LEU A 98 -9.63 -4.10 5.77
C LEU A 98 -10.93 -3.86 6.51
N GLN A 99 -11.58 -4.92 6.97
CA GLN A 99 -12.86 -4.71 7.64
C GLN A 99 -12.69 -4.24 9.08
N ALA A 100 -11.46 -4.19 9.59
CA ALA A 100 -11.23 -3.88 10.99
C ALA A 100 -10.48 -2.57 11.21
N VAL A 101 -9.74 -2.09 10.22
CA VAL A 101 -8.95 -0.88 10.41
C VAL A 101 -9.84 0.34 10.18
N ASN A 102 -9.33 1.48 10.65
CA ASN A 102 -10.01 2.76 10.51
C ASN A 102 -8.94 3.82 10.70
N PHE A 103 -8.54 4.48 9.61
CA PHE A 103 -7.52 5.51 9.67
C PHE A 103 -7.65 6.34 8.42
N PRO A 104 -7.39 7.66 8.51
CA PRO A 104 -7.70 8.53 7.36
C PRO A 104 -7.01 8.18 6.07
N PHE A 105 -5.87 7.50 6.11
CA PHE A 105 -5.10 7.25 4.91
C PHE A 105 -5.15 5.78 4.49
N LEU A 106 -6.18 5.06 4.95
CA LEU A 106 -6.43 3.68 4.54
C LEU A 106 -7.74 3.60 3.76
N VAL A 107 -7.71 2.95 2.60
CA VAL A 107 -8.93 2.78 1.79
C VAL A 107 -10.00 2.11 2.63
N LYS A 108 -11.25 2.48 2.41
CA LYS A 108 -12.36 2.03 3.25
C LYS A 108 -13.04 0.86 2.56
N LEU A 109 -13.09 -0.27 3.23
CA LEU A 109 -13.84 -1.41 2.75
C LEU A 109 -15.29 -1.27 3.17
N GLU A 110 -16.21 -1.36 2.20
CA GLU A 110 -17.62 -1.18 2.43
C GLU A 110 -18.37 -2.51 2.46
N PHE A 111 -18.05 -3.43 1.55
CA PHE A 111 -18.69 -4.73 1.54
C PHE A 111 -17.67 -5.80 1.21
N SER A 112 -18.02 -7.04 1.56
CA SER A 112 -17.28 -8.19 1.05
C SER A 112 -18.23 -9.37 0.95
N PHE A 113 -17.90 -10.27 0.03
CA PHE A 113 -18.74 -11.45 -0.21
C PHE A 113 -17.98 -12.36 -1.14
N LYS A 114 -18.53 -13.55 -1.33
CA LYS A 114 -17.95 -14.55 -2.21
C LYS A 114 -19.08 -15.24 -2.92
N ASP A 115 -18.73 -15.85 -4.05
CA ASP A 115 -19.68 -16.68 -4.78
C ASP A 115 -18.97 -17.97 -5.18
N ASN A 116 -19.55 -18.71 -6.13
CA ASN A 116 -19.00 -20.02 -6.49
C ASN A 116 -17.56 -19.92 -6.94
N SER A 117 -17.18 -18.84 -7.61
CA SER A 117 -15.86 -18.77 -8.21
C SER A 117 -14.91 -17.78 -7.56
N ASN A 118 -15.41 -16.67 -7.02
CA ASN A 118 -14.58 -15.51 -6.71
C ASN A 118 -14.82 -15.02 -5.29
N LEU A 119 -13.82 -14.27 -4.80
CA LEU A 119 -13.89 -13.45 -3.61
C LEU A 119 -13.98 -11.99 -4.02
N TYR A 120 -14.77 -11.21 -3.29
CA TYR A 120 -15.05 -9.83 -3.63
C TYR A 120 -14.80 -8.94 -2.43
N MET A 121 -13.97 -7.90 -2.63
CA MET A 121 -13.80 -6.85 -1.64
C MET A 121 -14.18 -5.54 -2.30
N VAL A 122 -15.17 -4.85 -1.74
CA VAL A 122 -15.75 -3.66 -2.36
C VAL A 122 -15.35 -2.45 -1.53
N MET A 123 -14.49 -1.62 -2.10
CA MET A 123 -13.92 -0.45 -1.44
C MET A 123 -14.46 0.83 -2.05
N GLU A 124 -14.47 1.89 -1.23
CA GLU A 124 -14.74 3.21 -1.74
C GLU A 124 -13.82 3.49 -2.91
N TYR A 125 -14.40 4.04 -3.98
CA TYR A 125 -13.63 4.36 -5.18
C TYR A 125 -12.91 5.70 -5.02
N VAL A 126 -11.60 5.67 -5.23
CA VAL A 126 -10.77 6.86 -5.12
C VAL A 126 -10.40 7.29 -6.54
N PRO A 127 -11.02 8.34 -7.10
CA PRO A 127 -10.93 8.58 -8.53
C PRO A 127 -9.67 9.30 -8.97
N GLY A 128 -8.80 9.70 -8.05
CA GLY A 128 -7.66 10.49 -8.43
C GLY A 128 -6.52 9.74 -9.07
N GLY A 129 -6.53 8.41 -9.04
CA GLY A 129 -5.47 7.61 -9.60
C GLY A 129 -4.36 7.29 -8.59
N GLU A 130 -3.45 6.42 -9.02
CA GLU A 130 -2.33 6.00 -8.19
C GLU A 130 -1.25 7.07 -8.19
N MET A 131 -0.57 7.19 -7.07
CA MET A 131 0.58 8.07 -7.03
C MET A 131 1.56 7.72 -8.14
N PHE A 132 1.67 6.43 -8.47
CA PHE A 132 2.60 5.98 -9.49
C PHE A 132 2.42 6.76 -10.80
N SER A 133 1.19 6.89 -11.28
N SER A 133 1.19 6.89 -11.28
CA SER A 133 0.95 7.56 -12.55
CA SER A 133 0.96 7.57 -12.56
C SER A 133 1.34 9.03 -12.46
C SER A 133 1.35 9.03 -12.47
N HIS A 134 1.00 9.68 -11.36
CA HIS A 134 1.32 11.10 -11.22
C HIS A 134 2.82 11.31 -11.15
N LEU A 135 3.51 10.42 -10.44
CA LEU A 135 4.95 10.55 -10.29
C LEU A 135 5.63 10.33 -11.64
N ARG A 136 5.18 9.35 -12.43
CA ARG A 136 5.81 9.16 -13.73
C ARG A 136 5.48 10.30 -14.69
N ARG A 137 4.31 10.94 -14.55
CA ARG A 137 3.96 12.06 -15.40
C ARG A 137 4.79 13.30 -15.09
N ILE A 138 5.01 13.59 -13.81
CA ILE A 138 5.75 14.78 -13.42
C ILE A 138 7.26 14.55 -13.37
N GLY A 139 7.69 13.30 -13.27
CA GLY A 139 9.10 12.96 -13.22
C GLY A 139 9.56 12.69 -11.80
N ARG A 140 9.60 13.76 -10.99
CA ARG A 140 9.86 13.61 -9.56
C ARG A 140 9.08 14.68 -8.80
N PHE A 141 8.81 14.40 -7.53
CA PHE A 141 8.17 15.36 -6.64
C PHE A 141 9.24 16.19 -5.95
N SER A 142 8.92 17.45 -5.68
CA SER A 142 9.81 18.24 -4.84
C SER A 142 9.90 17.61 -3.47
N GLU A 143 10.89 18.03 -2.68
CA GLU A 143 11.01 17.47 -1.34
C GLU A 143 9.81 17.84 -0.47
N PRO A 144 9.31 19.08 -0.47
CA PRO A 144 8.08 19.34 0.31
C PRO A 144 6.94 18.42 -0.08
N HIS A 145 6.79 18.14 -1.36
CA HIS A 145 5.68 17.30 -1.81
C HIS A 145 5.91 15.85 -1.43
N ALA A 146 7.13 15.34 -1.65
CA ALA A 146 7.46 14.01 -1.14
C ALA A 146 7.22 13.92 0.35
N ARG A 147 7.60 14.96 1.09
CA ARG A 147 7.47 14.93 2.55
C ARG A 147 6.01 14.89 2.98
N PHE A 148 5.15 15.64 2.29
CA PHE A 148 3.70 15.59 2.56
C PHE A 148 3.17 14.16 2.45
N TYR A 149 3.52 13.46 1.37
CA TYR A 149 3.10 12.07 1.23
C TYR A 149 3.78 11.17 2.25
N ALA A 150 5.10 11.34 2.41
CA ALA A 150 5.83 10.51 3.35
C ALA A 150 5.24 10.62 4.76
N ALA A 151 4.83 11.82 5.16
CA ALA A 151 4.31 12.00 6.51
C ALA A 151 3.04 11.16 6.72
N GLN A 152 2.22 11.05 5.69
CA GLN A 152 1.03 10.23 5.80
C GLN A 152 1.38 8.75 5.95
N ILE A 153 2.41 8.29 5.23
CA ILE A 153 2.81 6.90 5.38
C ILE A 153 3.39 6.66 6.76
N VAL A 154 4.18 7.61 7.28
CA VAL A 154 4.71 7.45 8.63
C VAL A 154 3.57 7.28 9.64
N LEU A 155 2.56 8.15 9.57
CA LEU A 155 1.44 8.04 10.50
C LEU A 155 0.67 6.74 10.29
N THR A 156 0.50 6.33 9.04
CA THR A 156 -0.22 5.12 8.75
C THR A 156 0.51 3.89 9.29
N PHE A 157 1.83 3.84 9.11
CA PHE A 157 2.60 2.74 9.65
C PHE A 157 2.62 2.79 11.17
N GLU A 158 2.69 3.99 11.76
CA GLU A 158 2.57 4.08 13.22
C GLU A 158 1.28 3.42 13.69
N TYR A 159 0.18 3.74 13.02
CA TYR A 159 -1.12 3.15 13.32
C TYR A 159 -1.09 1.62 13.12
N LEU A 160 -0.71 1.18 11.93
CA LEU A 160 -0.73 -0.26 11.64
C LEU A 160 0.17 -1.03 12.59
N HIS A 161 1.41 -0.58 12.77
CA HIS A 161 2.34 -1.31 13.62
C HIS A 161 1.85 -1.38 15.06
N SER A 162 1.19 -0.32 15.55
CA SER A 162 0.65 -0.35 16.91
C SER A 162 -0.44 -1.40 17.06
N LEU A 163 -1.07 -1.78 15.97
CA LEU A 163 -2.04 -2.87 15.93
C LEU A 163 -1.37 -4.22 15.71
N ASP A 164 -0.04 -4.28 15.72
CA ASP A 164 0.73 -5.47 15.41
C ASP A 164 0.51 -5.91 13.96
N LEU A 165 0.27 -4.95 13.07
CA LEU A 165 0.12 -5.22 11.64
C LEU A 165 1.35 -4.76 10.88
N ILE A 166 1.83 -5.59 9.97
CA ILE A 166 2.86 -5.26 9.00
C ILE A 166 2.21 -5.14 7.64
N TYR A 167 2.67 -4.19 6.80
CA TYR A 167 2.00 -3.92 5.54
C TYR A 167 2.60 -4.65 4.34
N ARG A 168 3.91 -4.51 4.10
CA ARG A 168 4.74 -5.37 3.23
C ARG A 168 4.53 -5.11 1.75
N ASP A 169 3.81 -4.06 1.34
CA ASP A 169 3.75 -3.81 -0.11
C ASP A 169 3.69 -2.32 -0.39
N LEU A 170 4.41 -1.53 0.37
CA LEU A 170 4.50 -0.13 0.04
C LEU A 170 5.16 0.07 -1.31
N LYS A 171 4.53 0.88 -2.15
CA LYS A 171 5.05 1.33 -3.45
C LYS A 171 4.05 2.35 -4.00
N PRO A 172 4.47 3.21 -4.92
CA PRO A 172 3.54 4.24 -5.41
C PRO A 172 2.33 3.65 -6.10
N GLU A 173 2.44 2.44 -6.66
CA GLU A 173 1.29 1.79 -7.29
C GLU A 173 0.13 1.57 -6.34
N ASN A 174 0.39 1.45 -5.04
CA ASN A 174 -0.62 1.13 -4.04
C ASN A 174 -1.08 2.36 -3.27
N LEU A 175 -0.64 3.53 -3.63
CA LEU A 175 -1.01 4.79 -2.97
C LEU A 175 -1.93 5.58 -3.88
N LEU A 176 -3.21 5.57 -3.57
CA LEU A 176 -4.16 6.32 -4.37
C LEU A 176 -4.26 7.75 -3.85
N ILE A 177 -4.47 8.68 -4.78
CA ILE A 177 -4.60 10.10 -4.46
C ILE A 177 -6.07 10.46 -4.50
N ASP A 178 -6.59 10.96 -3.37
CA ASP A 178 -8.02 11.17 -3.27
C ASP A 178 -8.38 12.61 -3.67
N GLN A 179 -9.67 12.95 -3.46
CA GLN A 179 -10.22 14.20 -3.94
C GLN A 179 -9.59 15.42 -3.28
N GLN A 180 -8.95 15.27 -2.12
CA GLN A 180 -8.29 16.36 -1.44
C GLN A 180 -6.77 16.36 -1.68
N GLY A 181 -6.28 15.41 -2.47
CA GLY A 181 -4.86 15.29 -2.73
C GLY A 181 -4.09 14.46 -1.71
N TYR A 182 -4.79 13.78 -0.80
CA TYR A 182 -4.21 12.95 0.24
C TYR A 182 -4.15 11.50 -0.22
N ILE A 183 -3.37 10.71 0.51
CA ILE A 183 -3.14 9.31 0.17
C ILE A 183 -4.22 8.44 0.78
N GLN A 184 -4.60 7.40 0.03
CA GLN A 184 -5.31 6.25 0.58
C GLN A 184 -4.52 5.01 0.18
N VAL A 185 -4.04 4.28 1.18
CA VAL A 185 -3.31 3.04 0.92
C VAL A 185 -4.31 1.96 0.58
N THR A 186 -4.03 1.24 -0.50
CA THR A 186 -4.86 0.15 -0.94
C THR A 186 -3.99 -1.10 -1.08
N ASP A 187 -4.67 -2.22 -1.24
CA ASP A 187 -4.07 -3.54 -1.43
C ASP A 187 -3.40 -4.00 -0.15
N PHE A 188 -4.15 -4.71 0.68
CA PHE A 188 -3.62 -5.31 1.89
C PHE A 188 -3.37 -6.80 1.73
N GLY A 189 -3.12 -7.21 0.49
CA GLY A 189 -2.91 -8.61 0.19
C GLY A 189 -1.74 -9.25 0.92
N PHE A 190 -0.72 -8.48 1.27
CA PHE A 190 0.44 -9.00 1.99
C PHE A 190 0.45 -8.54 3.43
N ALA A 191 -0.54 -7.78 3.87
CA ALA A 191 -0.56 -7.36 5.26
C ALA A 191 -0.88 -8.52 6.20
N LYS A 192 -0.33 -8.45 7.40
CA LYS A 192 -0.45 -9.58 8.30
C LYS A 192 -0.29 -9.11 9.73
N ARG A 193 -1.03 -9.75 10.63
CA ARG A 193 -0.87 -9.52 12.06
C ARG A 193 0.32 -10.32 12.53
N VAL A 194 1.33 -9.63 13.06
CA VAL A 194 2.59 -10.23 13.47
C VAL A 194 3.04 -9.58 14.79
N LYS A 195 3.19 -10.39 15.84
CA LYS A 195 3.76 -9.85 17.08
C LYS A 195 5.25 -10.12 17.22
N GLY A 196 5.80 -11.02 16.40
CA GLY A 196 7.21 -11.28 16.37
C GLY A 196 7.71 -11.17 14.94
N ARG A 197 8.23 -12.27 14.40
CA ARG A 197 8.71 -12.31 13.03
C ARG A 197 7.73 -13.05 12.14
N THR A 198 8.02 -12.99 10.85
CA THR A 198 7.28 -13.74 9.84
C THR A 198 8.27 -14.09 8.73
N TRP A 199 7.87 -15.04 7.88
CA TRP A 199 8.85 -15.65 6.96
C TRP A 199 8.49 -15.63 5.49
N TPO A 200 7.30 -15.14 5.12
CA TPO A 200 6.89 -15.34 3.73
CB TPO A 200 5.38 -15.09 3.55
CG2 TPO A 200 4.99 -15.47 2.12
OG1 TPO A 200 4.62 -15.89 4.44
P TPO A 200 3.83 -15.01 5.54
O1P TPO A 200 3.26 -16.04 6.63
O2P TPO A 200 2.73 -14.27 4.87
O3P TPO A 200 4.86 -14.02 6.21
C TPO A 200 7.67 -14.45 2.78
O TPO A 200 7.87 -13.26 3.03
HA TPO A 200 7.09 -16.27 3.49
HB TPO A 200 5.20 -14.04 3.76
HG21 TPO A 200 3.91 -15.55 2.06
HG22 TPO A 200 5.45 -16.42 1.86
HG23 TPO A 200 5.34 -14.70 1.43
N LEU A 201 8.08 -15.02 1.64
CA LEU A 201 8.69 -14.25 0.58
C LEU A 201 7.60 -13.53 -0.19
N CYS A 202 7.47 -12.23 0.03
CA CYS A 202 6.46 -11.49 -0.72
C CYS A 202 6.86 -10.03 -0.75
N GLY A 203 6.31 -9.35 -1.73
CA GLY A 203 6.58 -7.95 -1.97
C GLY A 203 6.81 -7.71 -3.43
N THR A 204 7.42 -6.56 -3.70
CA THR A 204 7.73 -6.12 -5.04
C THR A 204 9.24 -5.91 -5.14
N PRO A 205 9.88 -6.38 -6.23
CA PRO A 205 11.35 -6.48 -6.18
C PRO A 205 12.06 -5.22 -5.71
N GLU A 206 11.78 -4.06 -6.34
CA GLU A 206 12.48 -2.84 -5.99
C GLU A 206 12.30 -2.44 -4.53
N TYR A 207 11.24 -2.91 -3.86
CA TYR A 207 10.91 -2.49 -2.50
C TYR A 207 11.23 -3.55 -1.45
N LEU A 208 11.79 -4.70 -1.83
CA LEU A 208 12.08 -5.75 -0.88
C LEU A 208 13.25 -5.40 0.03
N ALA A 209 13.07 -5.59 1.33
CA ALA A 209 14.16 -5.37 2.26
C ALA A 209 15.17 -6.50 2.14
N PRO A 210 16.44 -6.24 2.47
CA PRO A 210 17.47 -7.30 2.38
C PRO A 210 17.09 -8.57 3.12
N GLU A 211 16.54 -8.46 4.32
CA GLU A 211 16.27 -9.65 5.10
C GLU A 211 15.16 -10.49 4.47
N ILE A 212 14.27 -9.89 3.66
CA ILE A 212 13.31 -10.71 2.92
C ILE A 212 14.03 -11.47 1.82
N ILE A 213 14.87 -10.77 1.04
CA ILE A 213 15.63 -11.41 -0.03
C ILE A 213 16.47 -12.56 0.52
N LEU A 214 17.00 -12.41 1.72
CA LEU A 214 17.90 -13.38 2.30
C LEU A 214 17.15 -14.48 3.05
N SER A 215 15.82 -14.52 2.95
CA SER A 215 15.00 -15.61 3.50
C SER A 215 15.19 -15.73 5.01
N LYS A 216 15.22 -14.60 5.69
CA LYS A 216 15.31 -14.57 7.13
C LYS A 216 13.92 -14.41 7.71
N GLY A 217 13.78 -14.70 9.01
CA GLY A 217 12.56 -14.26 9.70
C GLY A 217 12.67 -12.76 9.91
N TYR A 218 11.63 -12.03 9.50
CA TYR A 218 11.70 -10.58 9.49
C TYR A 218 10.49 -9.98 10.18
N ASN A 219 10.51 -8.66 10.35
CA ASN A 219 9.51 -7.99 11.17
C ASN A 219 9.16 -6.65 10.54
N LYS A 220 8.55 -5.75 11.33
CA LYS A 220 8.02 -4.53 10.76
C LYS A 220 9.10 -3.59 10.27
N ALA A 221 10.37 -3.87 10.58
CA ALA A 221 11.43 -3.07 9.99
C ALA A 221 11.39 -3.08 8.48
N VAL A 222 10.76 -4.10 7.87
CA VAL A 222 10.75 -4.11 6.42
C VAL A 222 9.85 -2.99 5.87
N ASP A 223 8.85 -2.56 6.63
CA ASP A 223 8.02 -1.45 6.20
C ASP A 223 8.82 -0.14 6.23
N TRP A 224 9.74 0.01 7.17
CA TRP A 224 10.49 1.25 7.23
C TRP A 224 11.55 1.29 6.14
N TRP A 225 12.14 0.13 5.81
CA TRP A 225 12.99 0.05 4.64
C TRP A 225 12.23 0.51 3.41
N ALA A 226 11.03 -0.03 3.24
CA ALA A 226 10.25 0.29 2.05
C ALA A 226 9.91 1.77 2.01
N LEU A 227 9.67 2.38 3.17
CA LEU A 227 9.46 3.82 3.19
C LEU A 227 10.69 4.54 2.66
N GLY A 228 11.87 4.05 3.02
CA GLY A 228 13.09 4.61 2.46
C GLY A 228 13.11 4.55 0.95
N VAL A 229 12.75 3.39 0.39
CA VAL A 229 12.68 3.25 -1.05
C VAL A 229 11.67 4.23 -1.63
N LEU A 230 10.49 4.32 -0.99
CA LEU A 230 9.43 5.19 -1.51
C LEU A 230 9.84 6.65 -1.52
N ILE A 231 10.40 7.13 -0.40
CA ILE A 231 10.79 8.53 -0.34
C ILE A 231 11.85 8.82 -1.38
N TYR A 232 12.83 7.92 -1.51
CA TYR A 232 13.85 8.09 -2.54
C TYR A 232 13.21 8.17 -3.93
N GLU A 233 12.31 7.23 -4.24
CA GLU A 233 11.69 7.23 -5.58
C GLU A 233 10.87 8.50 -5.80
N MET A 234 10.09 8.91 -4.81
CA MET A 234 9.31 10.13 -4.95
C MET A 234 10.19 11.33 -5.25
N ALA A 235 11.32 11.47 -4.53
CA ALA A 235 12.14 12.67 -4.62
C ALA A 235 13.13 12.62 -5.78
N ALA A 236 13.48 11.42 -6.24
CA ALA A 236 14.42 11.26 -7.33
C ALA A 236 13.76 10.99 -8.67
N GLY A 237 12.58 10.41 -8.66
CA GLY A 237 11.96 9.95 -9.89
C GLY A 237 12.34 8.54 -10.25
N TYR A 238 13.25 7.93 -9.51
CA TYR A 238 13.68 6.57 -9.74
C TYR A 238 13.96 5.94 -8.38
N PRO A 239 13.72 4.63 -8.23
CA PRO A 239 14.02 3.96 -6.96
C PRO A 239 15.52 3.78 -6.80
N PRO A 240 15.99 3.55 -5.57
CA PRO A 240 17.44 3.49 -5.32
C PRO A 240 18.11 2.28 -5.91
N PHE A 241 17.38 1.17 -6.04
CA PHE A 241 17.92 -0.10 -6.55
C PHE A 241 17.07 -0.52 -7.72
N PHE A 242 17.67 -0.52 -8.91
CA PHE A 242 16.99 -0.96 -10.12
C PHE A 242 18.02 -1.62 -11.02
N ALA A 243 17.51 -2.37 -12.00
CA ALA A 243 18.30 -3.14 -12.94
C ALA A 243 17.34 -3.69 -13.97
N ASP A 244 17.90 -4.31 -15.00
CA ASP A 244 17.08 -4.91 -16.06
C ASP A 244 16.18 -6.01 -15.50
N GLN A 245 16.73 -6.84 -14.62
CA GLN A 245 16.05 -8.03 -14.12
C GLN A 245 16.05 -8.05 -12.60
N PRO A 246 15.01 -8.60 -11.99
CA PRO A 246 14.94 -8.58 -10.51
C PRO A 246 16.16 -9.18 -9.82
N ILE A 247 16.75 -10.25 -10.36
CA ILE A 247 17.89 -10.87 -9.71
C ILE A 247 19.03 -9.87 -9.55
N GLN A 248 19.23 -9.00 -10.55
CA GLN A 248 20.24 -7.96 -10.43
C GLN A 248 19.84 -6.90 -9.41
N ILE A 249 18.54 -6.63 -9.27
CA ILE A 249 18.08 -5.69 -8.25
C ILE A 249 18.42 -6.22 -6.85
N TYR A 250 18.15 -7.50 -6.63
CA TYR A 250 18.36 -8.07 -5.30
C TYR A 250 19.82 -7.94 -4.87
N GLU A 251 20.76 -8.11 -5.82
CA GLU A 251 22.17 -7.99 -5.48
C GLU A 251 22.51 -6.58 -5.06
N LYS A 252 21.90 -5.59 -5.69
CA LYS A 252 22.11 -4.21 -5.29
C LYS A 252 21.52 -3.94 -3.91
N ILE A 253 20.32 -4.42 -3.66
CA ILE A 253 19.66 -4.22 -2.36
C ILE A 253 20.52 -4.75 -1.22
N VAL A 254 21.02 -5.98 -1.34
CA VAL A 254 21.76 -6.57 -0.22
C VAL A 254 23.18 -6.02 -0.13
N SER A 255 23.69 -5.38 -1.20
CA SER A 255 25.07 -4.89 -1.19
C SER A 255 25.36 -3.90 -0.07
N GLY A 256 24.38 -3.10 0.30
CA GLY A 256 24.63 -2.07 1.31
C GLY A 256 25.22 -0.80 0.75
N LYS A 257 25.01 -0.51 -0.53
CA LYS A 257 25.53 0.69 -1.18
C LYS A 257 24.38 1.40 -1.87
N VAL A 258 24.25 2.69 -1.61
CA VAL A 258 23.21 3.52 -2.21
C VAL A 258 23.84 4.88 -2.53
N ARG A 259 23.53 5.40 -3.70
CA ARG A 259 24.03 6.70 -4.13
C ARG A 259 22.84 7.64 -4.27
N PHE A 260 23.08 8.91 -3.96
CA PHE A 260 22.00 9.88 -3.94
C PHE A 260 22.23 10.92 -5.02
N PRO A 261 21.19 11.36 -5.72
CA PRO A 261 21.38 12.47 -6.66
C PRO A 261 21.81 13.71 -5.91
N SER A 262 22.59 14.55 -6.59
CA SER A 262 23.14 15.72 -5.94
C SER A 262 22.05 16.71 -5.54
N HIS A 263 20.88 16.68 -6.17
CA HIS A 263 19.84 17.63 -5.78
C HIS A 263 19.17 17.27 -4.46
N PHE A 264 19.36 16.07 -3.90
CA PHE A 264 18.82 15.75 -2.59
C PHE A 264 19.45 16.65 -1.52
N SER A 265 18.63 17.12 -0.58
CA SER A 265 19.13 17.83 0.58
C SER A 265 19.96 16.90 1.44
N SER A 266 20.89 17.50 2.21
CA SER A 266 21.66 16.72 3.17
C SER A 266 20.75 16.02 4.17
N ASP A 267 19.69 16.71 4.58
CA ASP A 267 18.74 16.11 5.52
C ASP A 267 18.06 14.89 4.94
N LEU A 268 17.67 14.95 3.65
CA LEU A 268 17.03 13.82 3.02
C LEU A 268 18.00 12.66 2.91
N LYS A 269 19.22 12.92 2.48
CA LYS A 269 20.20 11.83 2.39
C LYS A 269 20.40 11.18 3.74
N ASP A 270 20.49 11.98 4.80
CA ASP A 270 20.70 11.40 6.14
C ASP A 270 19.54 10.51 6.55
N LEU A 271 18.30 10.96 6.33
CA LEU A 271 17.15 10.14 6.67
C LEU A 271 17.17 8.84 5.90
N LEU A 272 17.45 8.94 4.59
CA LEU A 272 17.41 7.76 3.74
C LEU A 272 18.52 6.78 4.11
N ARG A 273 19.71 7.26 4.49
CA ARG A 273 20.75 6.30 4.90
C ARG A 273 20.32 5.48 6.11
N ASN A 274 19.47 6.06 6.94
CA ASN A 274 19.02 5.42 8.16
C ASN A 274 17.81 4.53 7.94
N LEU A 275 17.00 4.82 6.94
CA LEU A 275 15.88 3.94 6.56
C LEU A 275 16.37 2.78 5.71
N LEU A 276 17.32 3.05 4.81
CA LEU A 276 17.89 2.05 3.91
C LEU A 276 19.14 1.42 4.50
N GLN A 277 19.06 1.12 5.78
CA GLN A 277 20.11 0.43 6.50
C GLN A 277 19.88 -1.06 6.30
N VAL A 278 20.89 -1.75 5.75
CA VAL A 278 20.69 -3.17 5.45
C VAL A 278 20.58 -3.99 6.73
N ASP A 279 21.21 -3.53 7.81
CA ASP A 279 21.12 -4.19 9.10
C ASP A 279 19.82 -3.75 9.77
N LEU A 280 18.84 -4.64 9.81
CA LEU A 280 17.55 -4.30 10.39
C LEU A 280 17.67 -3.84 11.83
N THR A 281 18.71 -4.26 12.56
CA THR A 281 18.82 -3.84 13.95
C THR A 281 19.32 -2.41 14.07
N LYS A 282 19.75 -1.78 12.97
CA LYS A 282 20.21 -0.40 13.00
C LYS A 282 19.30 0.54 12.21
N ARG A 283 18.15 0.07 11.76
CA ARG A 283 17.33 0.80 10.81
C ARG A 283 16.34 1.68 11.54
N PHE A 284 16.26 2.95 11.14
CA PHE A 284 15.26 3.84 11.71
C PHE A 284 13.86 3.25 11.63
N GLY A 285 13.07 3.48 12.69
CA GLY A 285 11.80 2.85 12.86
C GLY A 285 11.85 1.59 13.66
N ASN A 286 13.03 0.96 13.76
CA ASN A 286 13.21 -0.27 14.49
C ASN A 286 14.18 -0.13 15.66
N LEU A 287 14.53 1.11 16.03
CA LEU A 287 15.40 1.33 17.19
C LEU A 287 14.54 1.52 18.43
N LYS A 288 15.19 1.78 19.57
CA LYS A 288 14.46 1.85 20.83
C LYS A 288 13.35 2.90 20.78
N ASN A 289 13.59 4.03 20.11
CA ASN A 289 12.61 5.11 20.02
C ASN A 289 11.60 4.94 18.90
N GLY A 290 11.61 3.80 18.22
CA GLY A 290 10.60 3.48 17.24
C GLY A 290 10.40 4.57 16.20
N VAL A 291 9.12 4.88 15.96
CA VAL A 291 8.79 5.78 14.88
C VAL A 291 9.25 7.20 15.18
N ASN A 292 9.53 7.51 16.45
CA ASN A 292 9.89 8.89 16.75
C ASN A 292 11.28 9.26 16.24
N ASP A 293 12.16 8.28 16.00
CA ASP A 293 13.42 8.61 15.33
C ASP A 293 13.15 9.16 13.94
N ILE A 294 12.05 8.73 13.32
CA ILE A 294 11.70 9.24 12.00
C ILE A 294 10.98 10.58 12.13
N LYS A 295 9.96 10.64 12.97
CA LYS A 295 9.17 11.86 13.13
C LYS A 295 10.02 13.04 13.59
N ASN A 296 11.05 12.80 14.41
CA ASN A 296 11.91 13.86 14.94
C ASN A 296 13.10 14.17 14.04
N HIS A 297 13.25 13.48 12.92
CA HIS A 297 14.38 13.75 12.03
C HIS A 297 14.28 15.15 11.41
N LYS A 298 15.44 15.76 11.17
CA LYS A 298 15.46 17.11 10.61
C LYS A 298 14.67 17.23 9.31
N TRP A 299 14.62 16.16 8.50
CA TRP A 299 13.90 16.26 7.23
C TRP A 299 12.42 16.54 7.42
N PHE A 300 11.85 16.15 8.56
CA PHE A 300 10.44 16.38 8.88
C PHE A 300 10.25 17.57 9.83
N ALA A 301 11.28 18.41 10.00
CA ALA A 301 11.17 19.52 10.94
C ALA A 301 9.97 20.41 10.66
N THR A 302 9.64 20.63 9.38
CA THR A 302 8.53 21.52 9.02
C THR A 302 7.19 20.82 9.05
N THR A 303 7.15 19.53 9.35
CA THR A 303 5.92 18.76 9.26
C THR A 303 5.08 18.91 10.52
N ASP A 304 3.82 19.27 10.34
CA ASP A 304 2.85 19.41 11.41
C ASP A 304 2.03 18.13 11.41
N TRP A 305 2.44 17.19 12.27
CA TRP A 305 1.91 15.83 12.21
C TRP A 305 0.41 15.81 12.45
N ILE A 306 -0.08 16.67 13.35
CA ILE A 306 -1.50 16.69 13.66
C ILE A 306 -2.28 17.28 12.50
N ALA A 307 -1.76 18.36 11.91
CA ALA A 307 -2.44 18.96 10.76
C ALA A 307 -2.53 17.98 9.60
N ILE A 308 -1.50 17.18 9.39
CA ILE A 308 -1.56 16.14 8.37
C ILE A 308 -2.66 15.14 8.72
N TYR A 309 -2.65 14.64 9.96
CA TYR A 309 -3.66 13.67 10.34
C TYR A 309 -5.07 14.23 10.17
N GLN A 310 -5.26 15.50 10.50
CA GLN A 310 -6.57 16.13 10.34
C GLN A 310 -6.83 16.59 8.91
N ARG A 311 -5.87 16.38 8.01
CA ARG A 311 -6.06 16.78 6.62
C ARG A 311 -6.27 18.27 6.49
N LYS A 312 -5.51 19.05 7.26
CA LYS A 312 -5.65 20.50 7.24
C LYS A 312 -4.52 21.15 6.46
N VAL A 313 -3.66 20.36 5.84
CA VAL A 313 -2.51 20.86 5.07
C VAL A 313 -2.90 20.89 3.60
N GLU A 314 -2.55 21.97 2.92
CA GLU A 314 -2.84 22.06 1.49
C GLU A 314 -1.97 21.05 0.75
N ALA A 315 -2.59 20.29 -0.15
CA ALA A 315 -1.84 19.20 -0.76
C ALA A 315 -1.04 19.69 -1.96
N PRO A 316 -0.03 18.93 -2.39
CA PRO A 316 0.72 19.34 -3.58
C PRO A 316 -0.14 19.52 -4.81
N PHE A 317 -1.15 18.68 -4.97
CA PHE A 317 -2.04 18.86 -6.10
C PHE A 317 -3.32 18.11 -5.82
N ILE A 318 -4.38 18.63 -6.39
CA ILE A 318 -5.67 17.96 -6.43
C ILE A 318 -5.78 17.27 -7.78
N PRO A 319 -6.00 15.95 -7.84
CA PRO A 319 -6.12 15.32 -9.15
C PRO A 319 -7.29 15.92 -9.92
N LYS A 320 -7.16 15.92 -11.24
CA LYS A 320 -8.20 16.38 -12.13
C LYS A 320 -9.12 15.22 -12.47
N PHE A 321 -10.40 15.36 -12.15
CA PHE A 321 -11.39 14.36 -12.51
C PHE A 321 -12.74 15.06 -12.55
N LYS A 322 -13.68 14.46 -13.28
CA LYS A 322 -14.94 15.13 -13.56
C LYS A 322 -16.01 14.82 -12.53
N GLY A 323 -15.86 13.75 -11.77
CA GLY A 323 -16.86 13.35 -10.82
C GLY A 323 -16.54 11.98 -10.25
N PRO A 324 -17.39 11.50 -9.34
CA PRO A 324 -17.06 10.27 -8.60
C PRO A 324 -17.05 9.04 -9.45
N GLY A 325 -17.55 9.10 -10.69
CA GLY A 325 -17.49 7.97 -11.60
C GLY A 325 -16.44 8.08 -12.70
N ASP A 326 -15.57 9.07 -12.65
CA ASP A 326 -14.62 9.34 -13.72
C ASP A 326 -13.44 8.39 -13.59
N THR A 327 -13.11 7.70 -14.68
CA THR A 327 -12.00 6.75 -14.72
C THR A 327 -10.79 7.31 -15.45
N SER A 328 -10.78 8.60 -15.74
CA SER A 328 -9.73 9.22 -16.55
C SER A 328 -8.34 9.00 -15.98
N ASN A 329 -8.20 8.90 -14.66
CA ASN A 329 -6.86 8.79 -14.08
C ASN A 329 -6.37 7.36 -14.00
N PHE A 330 -7.16 6.40 -14.50
CA PHE A 330 -6.75 5.01 -14.60
C PHE A 330 -6.59 4.61 -16.06
N ASP A 331 -5.80 3.59 -16.28
CA ASP A 331 -5.52 3.16 -17.64
C ASP A 331 -6.54 2.11 -18.12
N ASP A 332 -6.36 1.68 -19.35
CA ASP A 332 -7.33 0.85 -20.06
C ASP A 332 -6.83 -0.58 -20.12
N TYR A 333 -7.69 -1.51 -19.74
CA TYR A 333 -7.37 -2.93 -19.63
C TYR A 333 -8.38 -3.71 -20.44
N GLU A 334 -8.00 -4.93 -20.82
CA GLU A 334 -8.92 -5.80 -21.54
C GLU A 334 -10.11 -6.11 -20.66
N GLU A 335 -11.30 -5.97 -21.21
CA GLU A 335 -12.52 -6.11 -20.42
C GLU A 335 -13.00 -7.55 -20.52
N GLU A 336 -12.80 -8.31 -19.46
CA GLU A 336 -13.12 -9.72 -19.42
C GLU A 336 -14.35 -9.95 -18.56
N GLU A 337 -15.02 -11.07 -18.84
CA GLU A 337 -16.17 -11.52 -18.08
C GLU A 337 -15.83 -11.70 -16.61
N ILE A 338 -16.83 -11.54 -15.75
CA ILE A 338 -16.77 -12.02 -14.38
C ILE A 338 -17.43 -13.38 -14.43
N ARG A 339 -16.64 -14.42 -14.62
CA ARG A 339 -17.20 -15.77 -14.75
C ARG A 339 -17.55 -16.31 -13.37
N VAL A 340 -18.77 -16.79 -13.23
CA VAL A 340 -19.17 -17.47 -12.02
C VAL A 340 -19.70 -18.86 -12.37
N SEP A 341 -18.98 -19.88 -11.92
CA SEP A 341 -19.32 -21.27 -12.25
CB SEP A 341 -18.17 -22.18 -11.79
OG SEP A 341 -18.58 -23.53 -11.71
C SEP A 341 -20.64 -21.67 -11.62
O SEP A 341 -21.07 -21.08 -10.64
P SEP A 341 -18.19 -24.33 -13.04
O1P SEP A 341 -19.36 -24.18 -14.14
O2P SEP A 341 -16.80 -23.76 -13.63
O3P SEP A 341 -18.00 -25.88 -12.62
N ILE A 342 -21.31 -22.67 -12.20
CA ILE A 342 -22.54 -23.18 -11.61
C ILE A 342 -22.24 -24.05 -10.39
N ASN A 343 -20.98 -24.43 -10.18
CA ASN A 343 -20.57 -25.27 -9.06
C ASN A 343 -19.65 -24.50 -8.14
N GLU A 344 -19.83 -24.67 -6.82
CA GLU A 344 -18.99 -23.99 -5.85
C GLU A 344 -17.57 -24.50 -5.94
N LYS A 345 -16.62 -23.58 -5.96
CA LYS A 345 -15.19 -23.90 -6.00
C LYS A 345 -14.54 -23.56 -4.66
N CYS A 346 -13.68 -24.46 -4.19
CA CYS A 346 -12.83 -24.16 -3.04
C CYS A 346 -13.63 -23.69 -1.83
N GLY A 347 -14.79 -24.33 -1.61
CA GLY A 347 -15.64 -23.91 -0.51
C GLY A 347 -14.97 -24.02 0.84
N LYS A 348 -14.28 -25.13 1.08
CA LYS A 348 -13.65 -25.34 2.39
C LYS A 348 -12.54 -24.33 2.63
N GLU A 349 -11.73 -24.06 1.61
CA GLU A 349 -10.58 -23.18 1.79
C GLU A 349 -11.00 -21.79 2.23
N PHE A 350 -12.16 -21.31 1.77
CA PHE A 350 -12.56 -19.92 2.04
C PHE A 350 -13.82 -19.85 2.91
N THR A 351 -14.09 -20.90 3.68
CA THR A 351 -15.24 -20.90 4.58
C THR A 351 -15.32 -19.62 5.39
N GLU A 352 -14.16 -19.12 5.81
CA GLU A 352 -14.09 -17.99 6.71
C GLU A 352 -14.15 -16.63 6.02
N PHE A 353 -14.07 -16.56 4.69
CA PHE A 353 -14.17 -15.29 3.99
C PHE A 353 -15.58 -14.72 4.04
N THR B 2 21.80 8.40 -13.62
CA THR B 2 20.96 7.68 -12.66
C THR B 2 19.51 7.61 -13.15
N TYR B 3 18.90 8.78 -13.38
CA TYR B 3 17.51 8.79 -13.82
C TYR B 3 17.38 8.26 -15.24
N ALA B 4 18.34 8.62 -16.10
CA ALA B 4 18.37 8.06 -17.45
C ALA B 4 18.64 6.56 -17.41
N ASP B 5 19.50 6.10 -16.51
CA ASP B 5 19.73 4.67 -16.37
C ASP B 5 18.47 3.95 -15.90
N PHE B 6 17.69 4.58 -15.02
CA PHE B 6 16.40 4.01 -14.64
C PHE B 6 15.49 3.84 -15.85
N ILE B 7 15.37 4.90 -16.65
CA ILE B 7 14.58 4.78 -17.87
C ILE B 7 15.13 3.65 -18.73
N ALA B 8 16.45 3.44 -18.70
CA ALA B 8 17.04 2.43 -19.58
C ALA B 8 16.72 1.01 -19.13
N SER B 9 16.44 0.82 -17.84
CA SER B 9 16.12 -0.50 -17.32
C SER B 9 14.83 -1.04 -17.88
N GLY B 10 13.96 -0.17 -18.40
CA GLY B 10 12.64 -0.56 -18.84
C GLY B 10 11.62 -0.70 -17.74
N ARG B 11 12.04 -0.79 -16.47
CA ARG B 11 11.15 -1.08 -15.36
C ARG B 11 10.49 0.17 -14.79
N THR B 12 9.98 1.00 -15.68
CA THR B 12 9.32 2.25 -15.34
C THR B 12 7.81 2.12 -15.29
N GLY B 13 7.26 0.97 -15.68
CA GLY B 13 5.85 0.73 -15.60
C GLY B 13 5.44 0.19 -14.24
N ARG B 14 4.16 -0.10 -14.11
CA ARG B 14 3.64 -0.63 -12.85
C ARG B 14 4.29 -1.97 -12.53
N ARG B 15 4.75 -2.09 -11.31
CA ARG B 15 5.50 -3.25 -10.87
C ARG B 15 4.61 -4.24 -10.15
N ASN B 16 4.60 -5.48 -10.62
CA ASN B 16 3.85 -6.53 -9.96
C ASN B 16 4.63 -7.09 -8.77
N ALA B 17 3.87 -7.65 -7.84
CA ALA B 17 4.42 -8.32 -6.67
C ALA B 17 5.17 -9.61 -7.06
C1 ISQ C . -9.61 2.97 -6.82
N2 ISQ C . -10.21 3.23 -5.67
C3 ISQ C . -10.06 2.34 -4.67
C4 ISQ C . -9.32 1.21 -4.77
C4A ISQ C . -8.65 0.92 -5.98
C5 ISQ C . -7.79 -0.19 -6.15
C6 ISQ C . -7.11 -0.38 -7.33
C7 ISQ C . -7.26 0.52 -8.36
C8 ISQ C . -8.08 1.60 -8.24
C8A ISQ C . -8.79 1.83 -7.05
#